data_4GGL
#
_entry.id   4GGL
#
_cell.length_a   54.851
_cell.length_b   58.580
_cell.length_c   66.113
_cell.angle_alpha   90.00
_cell.angle_beta   90.00
_cell.angle_gamma   90.00
#
_symmetry.space_group_name_H-M   'P 21 21 21'
#
loop_
_entity.id
_entity.type
_entity.pdbx_description
1 polymer 'DNA gyrase subunit B'
2 non-polymer 7-({4-[(3R)-3-aminopyrrolidin-1-yl]-5-chloro-6-ethyl-7H-pyrrolo[2,3-d]pyrimidin-2-yl}sulfanyl)pyrido[2,3-b]pyrazin-2(1H)-one
3 non-polymer GLYCEROL
4 water water
#
_entity_poly.entity_id   1
_entity_poly.type   'polypeptide(L)'
_entity_poly.pdbx_seq_one_letter_code
;GLEAVRKRPGMYIGSTSGEGLHHLVWEIVDNSIDEALAGFAKSIQVIIEPDDSITVIDDGRGIPVGIQAKTGRPAVETVF
TVLHAGGKFGGGGYKVSGGLHGVGSSVVNALSTSLDVRVYKDGKVYYQEYRRGAVVDDLKVIEETDRHGTTVHFIPDPEI
FTETTVYDFDKLATRVRELAFLNRGLHISIEDRREGQEDKKEYHYEGLEHHHHHH
;
_entity_poly.pdbx_strand_id   A
#
loop_
_chem_comp.id
_chem_comp.type
_chem_comp.name
_chem_comp.formula
CJC non-polymer 7-({4-[(3R)-3-aminopyrrolidin-1-yl]-5-chloro-6-ethyl-7H-pyrrolo[2,3-d]pyrimidin-2-yl}sulfanyl)pyrido[2,3-b]pyrazin-2(1H)-one 'C19 H19 Cl N8 O S'
GOL non-polymer GLYCEROL 'C3 H8 O3'
#
# COMPACT_ATOMS: atom_id res chain seq x y z
N GLY A 1 11.19 -18.42 2.70
CA GLY A 1 10.46 -17.31 2.00
C GLY A 1 10.25 -16.08 2.86
N LEU A 2 9.00 -15.63 2.97
CA LEU A 2 8.65 -14.44 3.77
C LEU A 2 8.89 -14.61 5.26
N GLU A 3 8.99 -15.85 5.73
CA GLU A 3 9.31 -16.08 7.13
C GLU A 3 10.67 -15.45 7.49
N ALA A 4 11.59 -15.44 6.52
CA ALA A 4 12.89 -14.80 6.71
C ALA A 4 12.73 -13.30 7.02
N VAL A 5 11.77 -12.67 6.34
CA VAL A 5 11.49 -11.24 6.56
C VAL A 5 10.99 -10.98 7.99
N ARG A 6 10.12 -11.84 8.49
CA ARG A 6 9.60 -11.69 9.85
C ARG A 6 10.66 -11.87 10.92
N LYS A 7 11.67 -12.70 10.64
CA LYS A 7 12.73 -12.97 11.61
C LYS A 7 13.89 -11.99 11.53
N ARG A 8 14.17 -11.50 10.32
CA ARG A 8 15.19 -10.45 10.16
C ARG A 8 14.65 -9.18 9.46
N PRO A 9 13.62 -8.55 10.05
CA PRO A 9 13.03 -7.35 9.44
C PRO A 9 14.04 -6.21 9.21
N GLY A 10 15.03 -6.11 10.10
CA GLY A 10 16.09 -5.11 9.96
C GLY A 10 16.83 -5.15 8.64
N MET A 11 16.92 -6.33 8.02
CA MET A 11 17.62 -6.49 6.74
C MET A 11 16.77 -6.04 5.55
N TYR A 12 15.47 -5.92 5.77
CA TYR A 12 14.53 -5.62 4.69
C TYR A 12 13.95 -4.20 4.75
N ILE A 13 13.82 -3.65 5.96
CA ILE A 13 13.25 -2.30 6.12
C ILE A 13 14.18 -1.33 6.88
N GLY A 14 15.39 -1.78 7.19
CA GLY A 14 16.43 -0.91 7.78
C GLY A 14 16.36 -0.75 9.30
N SER A 15 15.13 -0.67 9.81
CA SER A 15 14.90 -0.46 11.22
C SER A 15 13.51 -0.94 11.61
N THR A 16 13.37 -1.39 12.85
CA THR A 16 12.04 -1.77 13.34
C THR A 16 11.46 -0.69 14.26
N SER A 17 12.12 0.46 14.28
CA SER A 17 11.67 1.62 15.05
C SER A 17 10.58 2.35 14.27
N GLY A 18 10.22 3.56 14.72
CA GLY A 18 9.31 4.43 13.97
C GLY A 18 9.70 4.63 12.51
N GLU A 19 11.01 4.66 12.24
CA GLU A 19 11.48 4.82 10.85
C GLU A 19 10.99 3.68 9.97
N GLY A 20 11.16 2.45 10.44
CA GLY A 20 10.69 1.27 9.69
C GLY A 20 9.18 1.24 9.55
N LEU A 21 8.48 1.66 10.61
CA LEU A 21 7.01 1.74 10.57
C LEU A 21 6.54 2.63 9.42
N HIS A 22 7.19 3.78 9.26
CA HIS A 22 6.84 4.71 8.18
C HIS A 22 7.31 4.21 6.84
N HIS A 23 8.44 3.51 6.82
CA HIS A 23 8.93 2.89 5.59
C HIS A 23 7.92 1.98 4.93
N LEU A 24 7.09 1.30 5.74
CA LEU A 24 6.04 0.43 5.20
C LEU A 24 5.12 1.20 4.26
N VAL A 25 4.73 2.40 4.67
CA VAL A 25 3.88 3.26 3.84
C VAL A 25 4.51 3.51 2.47
N TRP A 26 5.78 3.89 2.46
CA TRP A 26 6.46 4.22 1.19
C TRP A 26 6.60 3.03 0.27
N GLU A 27 6.76 1.86 0.85
CA GLU A 27 6.84 0.62 0.06
C GLU A 27 5.55 0.33 -0.72
N ILE A 28 4.41 0.66 -0.14
CA ILE A 28 3.14 0.52 -0.86
C ILE A 28 2.91 1.70 -1.82
N VAL A 29 3.08 2.92 -1.30
CA VAL A 29 2.88 4.15 -2.11
C VAL A 29 3.76 4.13 -3.37
N ASP A 30 5.00 3.69 -3.23
CA ASP A 30 5.91 3.61 -4.38
C ASP A 30 5.34 2.81 -5.54
N ASN A 31 4.61 1.74 -5.23
CA ASN A 31 3.94 0.95 -6.27
C ASN A 31 2.85 1.73 -7.01
N SER A 32 2.10 2.55 -6.26
CA SER A 32 1.09 3.43 -6.86
C SER A 32 1.75 4.53 -7.70
N ILE A 33 2.88 5.05 -7.22
CA ILE A 33 3.66 6.04 -7.98
C ILE A 33 4.14 5.44 -9.30
N ASP A 34 4.57 4.18 -9.28
CA ASP A 34 5.01 3.50 -10.51
C ASP A 34 3.87 3.41 -11.54
N GLU A 35 2.65 3.21 -11.05
CA GLU A 35 1.47 3.13 -11.91
C GLU A 35 1.05 4.51 -12.43
N ALA A 36 1.37 5.56 -11.66
CA ALA A 36 1.21 6.94 -12.15
C ALA A 36 2.26 7.22 -13.22
N LEU A 37 3.48 6.74 -13.01
CA LEU A 37 4.56 6.88 -13.98
C LEU A 37 4.27 6.17 -15.30
N ALA A 38 3.63 5.00 -15.21
CA ALA A 38 3.21 4.23 -16.38
C ALA A 38 2.16 5.01 -17.16
N GLY A 39 1.51 5.98 -16.50
CA GLY A 39 0.56 6.90 -17.13
C GLY A 39 -0.90 6.65 -16.83
N PHE A 40 -1.18 5.71 -15.94
CA PHE A 40 -2.56 5.29 -15.68
C PHE A 40 -3.15 5.85 -14.40
N ALA A 41 -2.39 5.85 -13.31
CA ALA A 41 -2.88 6.41 -12.05
C ALA A 41 -2.82 7.94 -12.06
N LYS A 42 -3.90 8.58 -11.62
CA LYS A 42 -3.95 10.05 -11.55
C LYS A 42 -4.03 10.55 -10.12
N SER A 43 -4.54 9.72 -9.22
CA SER A 43 -4.69 10.15 -7.84
C SER A 43 -4.40 9.02 -6.86
N ILE A 44 -3.72 9.38 -5.77
CA ILE A 44 -3.35 8.45 -4.72
C ILE A 44 -3.83 9.04 -3.39
N GLN A 45 -4.51 8.22 -2.59
CA GLN A 45 -4.89 8.61 -1.24
C GLN A 45 -4.15 7.74 -0.24
N VAL A 46 -3.53 8.39 0.74
CA VAL A 46 -2.96 7.68 1.88
C VAL A 46 -3.79 8.05 3.11
N ILE A 47 -4.25 7.03 3.84
CA ILE A 47 -5.12 7.25 5.01
C ILE A 47 -4.54 6.57 6.24
N ILE A 48 -4.36 7.35 7.32
CA ILE A 48 -4.09 6.76 8.63
C ILE A 48 -5.46 6.49 9.24
N GLU A 49 -5.77 5.21 9.40
CA GLU A 49 -7.07 4.79 9.93
C GLU A 49 -7.11 5.02 11.46
N PRO A 50 -8.32 4.96 12.07
CA PRO A 50 -8.39 5.28 13.50
C PRO A 50 -7.57 4.38 14.42
N ASP A 51 -7.22 3.18 13.93
CA ASP A 51 -6.46 2.20 14.70
C ASP A 51 -4.98 2.16 14.31
N ASP A 52 -4.49 3.23 13.69
CA ASP A 52 -3.09 3.31 13.20
C ASP A 52 -2.77 2.33 12.07
N SER A 53 -3.79 1.72 11.47
CA SER A 53 -3.58 0.97 10.23
C SER A 53 -3.53 1.95 9.04
N ILE A 54 -3.06 1.47 7.90
CA ILE A 54 -2.87 2.33 6.72
C ILE A 54 -3.68 1.83 5.53
N THR A 55 -4.33 2.76 4.84
CA THR A 55 -4.98 2.46 3.55
C THR A 55 -4.36 3.31 2.44
N VAL A 56 -4.01 2.66 1.33
CA VAL A 56 -3.49 3.36 0.15
C VAL A 56 -4.40 3.03 -1.02
N ILE A 57 -4.99 4.06 -1.62
CA ILE A 57 -5.95 3.90 -2.71
C ILE A 57 -5.39 4.59 -3.95
N ASP A 58 -5.34 3.87 -5.07
CA ASP A 58 -5.02 4.52 -6.34
C ASP A 58 -6.09 4.22 -7.39
N ASP A 59 -6.06 4.99 -8.48
CA ASP A 59 -7.00 4.81 -9.58
C ASP A 59 -6.30 4.34 -10.86
N GLY A 60 -5.27 3.53 -10.69
CA GLY A 60 -4.56 2.92 -11.82
C GLY A 60 -5.38 1.80 -12.44
N ARG A 61 -4.66 0.92 -13.13
CA ARG A 61 -5.30 -0.16 -13.89
C ARG A 61 -5.82 -1.27 -12.99
N GLY A 62 -5.22 -1.39 -11.81
CA GLY A 62 -5.45 -2.53 -10.91
C GLY A 62 -4.38 -3.58 -11.15
N ILE A 63 -3.79 -4.09 -10.06
CA ILE A 63 -2.77 -5.16 -10.17
C ILE A 63 -3.33 -6.32 -10.99
N PRO A 64 -2.53 -6.86 -11.93
CA PRO A 64 -2.98 -8.00 -12.71
C PRO A 64 -3.49 -9.15 -11.82
N VAL A 65 -4.61 -9.73 -12.22
CA VAL A 65 -5.27 -10.78 -11.44
C VAL A 65 -5.21 -12.13 -12.15
N GLY A 66 -4.76 -12.13 -13.41
CA GLY A 66 -4.68 -13.43 -14.06
C GLY A 66 -3.61 -14.46 -13.65
N ILE A 67 -4.01 -15.73 -13.67
CA ILE A 67 -3.10 -16.84 -13.36
C ILE A 67 -1.81 -16.74 -14.20
N GLN A 68 -0.67 -16.82 -13.53
CA GLN A 68 0.61 -16.86 -14.22
C GLN A 68 0.99 -18.32 -14.47
N ALA A 69 1.47 -18.61 -15.66
CA ALA A 69 1.87 -19.98 -16.02
C ALA A 69 2.99 -20.49 -15.12
N LYS A 70 3.93 -19.60 -14.79
CA LYS A 70 5.10 -19.94 -13.97
C LYS A 70 4.76 -20.34 -12.53
N THR A 71 3.66 -19.82 -11.99
CA THR A 71 3.32 -20.05 -10.58
C THR A 71 2.02 -20.83 -10.38
N GLY A 72 1.12 -20.76 -11.36
CA GLY A 72 -0.22 -21.31 -11.24
C GLY A 72 -1.10 -20.54 -10.27
N ARG A 73 -0.68 -19.32 -9.93
CA ARG A 73 -1.39 -18.45 -8.99
C ARG A 73 -1.67 -17.10 -9.63
N PRO A 74 -2.73 -16.39 -9.18
CA PRO A 74 -2.99 -15.03 -9.67
C PRO A 74 -1.80 -14.10 -9.44
N ALA A 75 -1.50 -13.25 -10.42
CA ALA A 75 -0.34 -12.35 -10.31
C ALA A 75 -0.38 -11.55 -9.01
N VAL A 76 -1.55 -11.01 -8.68
CA VAL A 76 -1.72 -10.21 -7.45
C VAL A 76 -1.32 -10.99 -6.17
N GLU A 77 -1.65 -12.27 -6.10
CA GLU A 77 -1.24 -13.08 -4.94
C GLU A 77 0.28 -13.12 -4.84
N THR A 78 0.95 -13.40 -5.96
CA THR A 78 2.42 -13.44 -6.00
C THR A 78 3.06 -12.13 -5.52
N VAL A 79 2.47 -11.00 -5.91
CA VAL A 79 2.95 -9.67 -5.53
C VAL A 79 3.12 -9.60 -4.00
N PHE A 80 2.14 -10.14 -3.28
CA PHE A 80 2.13 -10.01 -1.81
C PHE A 80 2.75 -11.18 -1.06
N THR A 81 3.00 -12.29 -1.75
CA THR A 81 3.40 -13.52 -1.04
C THR A 81 4.79 -14.02 -1.37
N VAL A 82 5.41 -13.44 -2.39
CA VAL A 82 6.75 -13.86 -2.83
C VAL A 82 7.73 -12.71 -2.74
N LEU A 83 8.88 -12.97 -2.12
CA LEU A 83 9.93 -11.96 -1.95
C LEU A 83 10.54 -11.56 -3.29
N HIS A 84 10.59 -10.25 -3.54
CA HIS A 84 11.12 -9.70 -4.79
C HIS A 84 12.19 -8.69 -4.52
N GLY A 102 9.57 -0.42 -5.54
CA GLY A 102 8.55 -1.04 -6.37
C GLY A 102 8.49 -2.55 -6.29
N VAL A 103 9.24 -3.13 -5.36
CA VAL A 103 9.28 -4.59 -5.14
C VAL A 103 9.04 -4.99 -3.67
N GLY A 104 8.51 -4.06 -2.88
CA GLY A 104 8.41 -4.25 -1.44
C GLY A 104 7.07 -4.70 -0.88
N SER A 105 6.08 -4.94 -1.74
CA SER A 105 4.73 -5.28 -1.27
C SER A 105 4.70 -6.49 -0.34
N SER A 106 5.47 -7.52 -0.67
CA SER A 106 5.48 -8.74 0.14
C SER A 106 6.16 -8.53 1.49
N VAL A 107 7.12 -7.60 1.54
CA VAL A 107 7.77 -7.26 2.80
C VAL A 107 6.75 -6.58 3.75
N VAL A 108 5.95 -5.67 3.21
CA VAL A 108 4.90 -5.00 4.00
C VAL A 108 3.91 -6.05 4.51
N ASN A 109 3.52 -6.96 3.62
CA ASN A 109 2.65 -8.06 4.00
C ASN A 109 3.22 -8.88 5.17
N ALA A 110 4.46 -9.32 5.03
CA ALA A 110 5.11 -10.13 6.06
C ALA A 110 5.13 -9.44 7.43
N LEU A 111 5.30 -8.12 7.43
CA LEU A 111 5.48 -7.37 8.68
C LEU A 111 4.17 -6.75 9.20
N SER A 112 3.04 -7.22 8.68
CA SER A 112 1.71 -6.75 9.10
C SER A 112 0.94 -7.89 9.74
N THR A 113 0.17 -7.59 10.79
CA THR A 113 -0.76 -8.61 11.34
C THR A 113 -1.74 -9.05 10.27
N SER A 114 -2.14 -8.10 9.43
CA SER A 114 -3.11 -8.35 8.37
C SER A 114 -2.87 -7.38 7.24
N LEU A 115 -3.07 -7.86 6.01
CA LEU A 115 -3.11 -6.99 4.84
C LEU A 115 -4.23 -7.46 3.93
N ASP A 116 -5.01 -6.52 3.43
CA ASP A 116 -6.05 -6.84 2.45
C ASP A 116 -5.86 -6.00 1.19
N VAL A 117 -6.04 -6.65 0.05
CA VAL A 117 -5.96 -5.98 -1.25
C VAL A 117 -7.30 -6.10 -1.97
N ARG A 118 -7.73 -4.98 -2.56
CA ARG A 118 -8.87 -4.98 -3.46
C ARG A 118 -8.42 -4.42 -4.81
N VAL A 119 -8.66 -5.19 -5.87
CA VAL A 119 -8.35 -4.78 -7.23
C VAL A 119 -9.65 -4.54 -7.99
N TYR A 120 -9.80 -3.32 -8.50
CA TYR A 120 -10.98 -2.88 -9.25
C TYR A 120 -10.59 -2.90 -10.72
N LYS A 121 -11.15 -3.85 -11.48
CA LYS A 121 -10.67 -4.15 -12.83
C LYS A 121 -11.77 -4.86 -13.60
N ASP A 122 -12.01 -4.41 -14.83
CA ASP A 122 -12.98 -5.05 -15.74
C ASP A 122 -14.36 -5.28 -15.12
N GLY A 123 -14.82 -4.30 -14.36
CA GLY A 123 -16.15 -4.33 -13.77
C GLY A 123 -16.30 -5.16 -12.50
N LYS A 124 -15.19 -5.69 -11.99
CA LYS A 124 -15.21 -6.57 -10.82
C LYS A 124 -14.25 -6.10 -9.74
N VAL A 125 -14.56 -6.44 -8.48
CA VAL A 125 -13.64 -6.22 -7.36
C VAL A 125 -13.08 -7.56 -6.90
N TYR A 126 -11.77 -7.73 -7.05
CA TYR A 126 -11.05 -8.93 -6.66
C TYR A 126 -10.42 -8.68 -5.30
N TYR A 127 -10.61 -9.63 -4.37
CA TYR A 127 -10.22 -9.43 -2.99
C TYR A 127 -9.39 -10.60 -2.48
N GLN A 128 -8.29 -10.29 -1.79
CA GLN A 128 -7.54 -11.30 -1.04
C GLN A 128 -6.99 -10.68 0.24
N GLU A 129 -6.89 -11.51 1.27
CA GLU A 129 -6.36 -11.07 2.56
C GLU A 129 -5.28 -12.04 3.03
N TYR A 130 -4.35 -11.52 3.83
CA TYR A 130 -3.23 -12.29 4.38
C TYR A 130 -3.12 -11.98 5.87
N ARG A 131 -2.59 -12.93 6.64
CA ARG A 131 -2.37 -12.73 8.08
C ARG A 131 -0.91 -13.05 8.42
N ARG A 132 -0.18 -12.05 8.90
CA ARG A 132 1.27 -12.20 9.12
C ARG A 132 1.95 -12.86 7.91
N GLY A 133 1.52 -12.44 6.73
CA GLY A 133 2.10 -12.86 5.45
C GLY A 133 1.42 -14.06 4.80
N ALA A 134 0.65 -14.82 5.57
CA ALA A 134 0.04 -16.05 5.06
C ALA A 134 -1.34 -15.80 4.43
N VAL A 135 -1.57 -16.42 3.28
CA VAL A 135 -2.84 -16.30 2.55
C VAL A 135 -4.01 -16.84 3.37
N VAL A 136 -5.10 -16.07 3.43
CA VAL A 136 -6.34 -16.53 4.06
C VAL A 136 -7.14 -17.41 3.09
N ASP A 137 -7.45 -16.87 1.91
CA ASP A 137 -8.20 -17.65 0.93
C ASP A 137 -7.81 -17.23 -0.48
N ASP A 138 -8.20 -18.04 -1.45
CA ASP A 138 -7.93 -17.74 -2.86
C ASP A 138 -8.59 -16.43 -3.22
N LEU A 139 -7.96 -15.69 -4.15
CA LEU A 139 -8.54 -14.46 -4.70
C LEU A 139 -9.99 -14.70 -5.12
N LYS A 140 -10.87 -13.79 -4.73
CA LYS A 140 -12.30 -13.94 -5.00
C LYS A 140 -12.91 -12.64 -5.51
N VAL A 141 -13.83 -12.75 -6.47
CA VAL A 141 -14.63 -11.59 -6.89
C VAL A 141 -15.71 -11.39 -5.83
N ILE A 142 -15.72 -10.21 -5.20
CA ILE A 142 -16.64 -9.94 -4.08
C ILE A 142 -17.73 -8.93 -4.40
N GLU A 143 -17.52 -8.12 -5.43
CA GLU A 143 -18.45 -7.05 -5.82
C GLU A 143 -18.31 -6.76 -7.30
N GLU A 144 -19.30 -6.05 -7.85
CA GLU A 144 -19.13 -5.39 -9.14
C GLU A 144 -18.74 -3.93 -8.91
N THR A 145 -18.08 -3.34 -9.89
CA THR A 145 -17.60 -1.96 -9.76
C THR A 145 -17.54 -1.28 -11.12
N ASP A 146 -17.59 0.05 -11.09
CA ASP A 146 -17.38 0.85 -12.29
C ASP A 146 -16.05 1.59 -12.24
N ARG A 147 -15.29 1.42 -11.17
CA ARG A 147 -13.99 2.10 -11.10
C ARG A 147 -12.83 1.13 -11.38
N HIS A 148 -11.63 1.70 -11.50
CA HIS A 148 -10.41 0.92 -11.67
C HIS A 148 -9.36 1.41 -10.72
N GLY A 149 -8.55 0.49 -10.24
CA GLY A 149 -7.43 0.83 -9.38
C GLY A 149 -7.16 -0.27 -8.37
N THR A 150 -6.28 0.05 -7.43
CA THR A 150 -5.90 -0.88 -6.37
C THR A 150 -5.99 -0.18 -5.02
N THR A 151 -6.54 -0.90 -4.04
CA THR A 151 -6.57 -0.45 -2.66
C THR A 151 -5.89 -1.49 -1.77
N VAL A 152 -4.87 -1.03 -1.05
CA VAL A 152 -4.13 -1.88 -0.12
C VAL A 152 -4.32 -1.33 1.29
N HIS A 153 -4.74 -2.18 2.22
CA HIS A 153 -4.85 -1.78 3.62
C HIS A 153 -4.07 -2.73 4.48
N PHE A 154 -3.26 -2.20 5.40
CA PHE A 154 -2.44 -3.03 6.25
C PHE A 154 -2.34 -2.55 7.70
N ILE A 155 -2.21 -3.52 8.61
CA ILE A 155 -2.04 -3.25 10.03
C ILE A 155 -0.63 -3.69 10.43
N PRO A 156 0.30 -2.73 10.68
CA PRO A 156 1.67 -3.13 11.05
C PRO A 156 1.68 -4.02 12.31
N ASP A 157 2.58 -5.00 12.33
CA ASP A 157 2.59 -5.98 13.40
C ASP A 157 3.35 -5.44 14.62
N PRO A 158 2.67 -5.30 15.78
CA PRO A 158 3.37 -4.86 17.00
C PRO A 158 4.40 -5.88 17.50
N GLU A 159 4.36 -7.13 17.03
CA GLU A 159 5.42 -8.10 17.34
C GLU A 159 6.72 -7.70 16.67
N ILE A 160 6.62 -6.96 15.56
CA ILE A 160 7.78 -6.48 14.83
C ILE A 160 8.13 -5.07 15.31
N PHE A 161 7.13 -4.20 15.35
CA PHE A 161 7.31 -2.79 15.66
C PHE A 161 7.05 -2.59 17.15
N THR A 162 8.03 -3.02 17.93
CA THR A 162 7.91 -3.12 19.39
C THR A 162 8.06 -1.77 20.08
N GLU A 163 8.76 -0.84 19.44
CA GLU A 163 8.97 0.51 19.98
C GLU A 163 7.72 1.36 19.84
N THR A 164 7.12 1.36 18.66
CA THR A 164 5.93 2.16 18.38
C THR A 164 5.19 1.66 17.14
N THR A 165 3.86 1.63 17.22
CA THR A 165 3.01 1.42 16.05
C THR A 165 2.17 2.67 15.72
N VAL A 166 2.58 3.81 16.28
CA VAL A 166 1.81 5.04 16.11
C VAL A 166 2.40 5.93 15.00
N TYR A 167 1.57 6.26 14.01
CA TYR A 167 2.00 7.07 12.86
C TYR A 167 2.14 8.57 13.15
N ASP A 168 3.04 9.21 12.42
CA ASP A 168 3.32 10.63 12.53
C ASP A 168 2.74 11.30 11.28
N PHE A 169 1.60 11.98 11.43
CA PHE A 169 0.92 12.62 10.31
C PHE A 169 1.81 13.65 9.61
N ASP A 170 2.49 14.51 10.38
CA ASP A 170 3.36 15.53 9.78
C ASP A 170 4.49 14.90 8.96
N LYS A 171 5.07 13.82 9.48
CA LYS A 171 6.14 13.08 8.81
C LYS A 171 5.64 12.53 7.47
N LEU A 172 4.48 11.89 7.50
CA LEU A 172 3.85 11.39 6.27
C LEU A 172 3.48 12.50 5.28
N ALA A 173 2.88 13.58 5.79
CA ALA A 173 2.49 14.74 4.97
C ALA A 173 3.68 15.38 4.27
N THR A 174 4.79 15.52 5.00
CA THR A 174 6.00 16.12 4.46
C THR A 174 6.48 15.37 3.22
N ARG A 175 6.56 14.04 3.33
CA ARG A 175 6.99 13.22 2.20
C ARG A 175 5.95 13.13 1.08
N VAL A 176 4.67 13.10 1.43
CA VAL A 176 3.61 13.13 0.42
C VAL A 176 3.71 14.38 -0.46
N ARG A 177 3.99 15.52 0.18
CA ARG A 177 4.17 16.78 -0.55
C ARG A 177 5.38 16.69 -1.48
N GLU A 178 6.49 16.14 -0.97
CA GLU A 178 7.70 15.92 -1.76
C GLU A 178 7.40 15.02 -2.95
N LEU A 179 6.64 13.95 -2.72
CA LEU A 179 6.25 13.04 -3.80
C LEU A 179 5.39 13.72 -4.86
N ALA A 180 4.47 14.57 -4.43
CA ALA A 180 3.64 15.35 -5.36
C ALA A 180 4.50 16.22 -6.27
N PHE A 181 5.51 16.86 -5.67
CA PHE A 181 6.41 17.73 -6.40
C PHE A 181 7.27 16.95 -7.42
N LEU A 182 7.85 15.85 -6.96
CA LEU A 182 8.70 15.01 -7.80
C LEU A 182 7.92 14.33 -8.93
N ASN A 183 6.62 14.16 -8.71
CA ASN A 183 5.73 13.55 -9.69
C ASN A 183 4.71 14.55 -10.20
N ARG A 184 5.19 15.72 -10.58
CA ARG A 184 4.35 16.84 -11.00
C ARG A 184 3.21 16.40 -11.90
N GLY A 185 1.99 16.76 -11.51
CA GLY A 185 0.77 16.35 -12.21
C GLY A 185 -0.07 15.40 -11.38
N LEU A 186 0.60 14.57 -10.59
CA LEU A 186 -0.08 13.65 -9.67
C LEU A 186 -0.90 14.38 -8.63
N HIS A 187 -2.10 13.86 -8.35
CA HIS A 187 -2.87 14.23 -7.17
C HIS A 187 -2.58 13.22 -6.10
N ILE A 188 -2.11 13.68 -4.93
CA ILE A 188 -1.85 12.78 -3.81
C ILE A 188 -2.27 13.45 -2.50
N SER A 189 -2.96 12.70 -1.65
CA SER A 189 -3.43 13.24 -0.39
C SER A 189 -3.01 12.38 0.78
N ILE A 190 -3.00 13.01 1.96
CA ILE A 190 -2.77 12.33 3.22
C ILE A 190 -3.90 12.71 4.21
N GLU A 191 -4.48 11.70 4.83
CA GLU A 191 -5.61 11.92 5.75
C GLU A 191 -5.35 11.22 7.07
N ASP A 192 -5.68 11.89 8.18
CA ASP A 192 -5.62 11.29 9.50
C ASP A 192 -7.07 11.15 9.98
N ARG A 193 -7.46 9.92 10.32
CA ARG A 193 -8.80 9.65 10.83
C ARG A 193 -8.80 9.36 12.33
N ARG A 194 -7.67 9.59 12.98
CA ARG A 194 -7.56 9.26 14.40
C ARG A 194 -8.31 10.26 15.29
N GLU A 195 -8.81 9.74 16.42
CA GLU A 195 -9.67 10.48 17.34
C GLU A 195 -9.06 11.80 17.79
N GLY A 196 -9.83 12.88 17.69
CA GLY A 196 -9.42 14.20 18.19
C GLY A 196 -8.34 14.91 17.39
N GLN A 197 -8.04 14.41 16.19
CA GLN A 197 -6.96 15.01 15.39
C GLN A 197 -7.19 14.81 13.90
N GLU A 198 -8.44 14.60 13.50
CA GLU A 198 -8.77 14.41 12.09
C GLU A 198 -8.26 15.56 11.23
N ASP A 199 -7.62 15.23 10.12
CA ASP A 199 -6.98 16.22 9.24
C ASP A 199 -6.81 15.60 7.86
N LYS A 200 -6.73 16.45 6.84
CA LYS A 200 -6.45 16.01 5.49
C LYS A 200 -5.72 17.12 4.74
N LYS A 201 -4.69 16.74 4.01
CA LYS A 201 -3.97 17.65 3.15
C LYS A 201 -3.88 17.04 1.76
N GLU A 202 -4.20 17.82 0.74
CA GLU A 202 -4.18 17.37 -0.64
C GLU A 202 -3.11 18.15 -1.41
N TYR A 203 -2.33 17.45 -2.22
CA TYR A 203 -1.25 18.11 -2.97
C TYR A 203 -1.37 17.82 -4.45
N HIS A 204 -1.08 18.83 -5.26
CA HIS A 204 -1.10 18.70 -6.71
C HIS A 204 -0.35 19.85 -7.33
N TYR A 205 0.78 19.52 -7.94
CA TYR A 205 1.53 20.51 -8.72
C TYR A 205 1.11 20.40 -10.20
N GLU A 206 0.84 21.54 -10.82
CA GLU A 206 0.29 21.56 -12.18
C GLU A 206 1.35 21.34 -13.24
N GLY A 207 0.95 20.70 -14.33
CA GLY A 207 1.81 20.51 -15.50
C GLY A 207 1.69 21.68 -16.47
N LEU A 208 1.69 21.38 -17.76
CA LEU A 208 1.68 22.42 -18.80
C LEU A 208 0.43 23.30 -18.80
N GLU A 209 -0.65 22.80 -18.23
CA GLU A 209 -1.92 23.55 -18.10
C GLU A 209 -1.83 24.79 -17.19
N HIS A 210 -0.74 24.89 -16.42
CA HIS A 210 -0.53 25.97 -15.46
C HIS A 210 -0.48 27.33 -16.10
O47 CJC B . 4.29 -4.42 -15.31
C28 CJC B . 3.05 -4.26 -15.20
C27 CJC B . 2.18 -4.87 -16.12
N29 CJC B . 2.58 -3.51 -14.19
C22 CJC B . 1.26 -3.32 -14.05
C23 CJC B . 0.34 -3.96 -15.02
N26 CJC B . 0.85 -4.72 -16.03
N24 CJC B . -1.00 -3.79 -14.88
C25 CJC B . -1.48 -3.02 -13.88
C20 CJC B . -0.65 -2.41 -12.94
C21 CJC B . 0.73 -2.55 -13.02
S19 CJC B . -1.38 -1.46 -11.73
C10 CJC B . -0.73 -1.71 -10.20
N9 CJC B . 0.20 -2.68 -9.98
C8 CJC B . 0.69 -2.94 -8.76
N13 CJC B . 1.69 -3.94 -8.67
C14 CJC B . 1.99 -4.81 -9.80
C15 CJC B . 3.49 -5.04 -9.59
C16 CJC B . 3.91 -4.33 -8.31
N18 CJC B . 4.61 -3.10 -8.65
C17 CJC B . 2.63 -3.99 -7.56
C3 CJC B . 0.22 -2.06 -7.64
C2 CJC B . -0.78 -1.01 -7.95
N11 CJC B . -1.18 -0.90 -9.23
N1 CJC B . -1.12 -0.31 -6.84
C5 CJC B . -0.50 -0.74 -5.73
C4 CJC B . 0.36 -1.84 -6.18
CL1 CJC B . 1.41 -2.82 -5.04
C6 CJC B . -0.65 -0.18 -4.32
C7 CJC B . -2.06 0.27 -4.04
C1 GOL C . 2.14 11.30 -12.90
O1 GOL C . 2.17 11.28 -11.48
C2 GOL C . 3.57 11.41 -13.42
O2 GOL C . 4.07 12.73 -13.11
C3 GOL C . 3.55 11.14 -14.92
O3 GOL C . 3.21 12.31 -15.68
#